data_7KVX
#
_entry.id   7KVX
#
_cell.length_a   89.495
_cell.length_b   78.539
_cell.length_c   36.010
_cell.angle_alpha   90.000
_cell.angle_beta   96.520
_cell.angle_gamma   90.000
#
_symmetry.space_group_name_H-M   'C 1 2 1'
#
loop_
_entity.id
_entity.type
_entity.pdbx_description
1 polymer 'Stimulator of interferon genes protein'
2 non-polymer (2R,5R,7R,8R,10R,12aR,14R,15aS,16R)-7-(2-amino-6-oxo-1,6-dihydro-9H-purin-9-yl)-16-hydroxy-14-[(pyrimidin-4-yl)amino]-2,10-disulfanyldecahydro-2H,10H-5,8-methano-2lambda~5~,10lambda~5~-cyclopenta[l][1,3,6,9,11,2,10]pentaoxadiphosphacyclotetradecine-2,10-dione
3 water water
#
_entity_poly.entity_id   1
_entity_poly.type   'polypeptide(L)'
_entity_poly.pdbx_seq_one_letter_code
;GGSAPAEISAVCEKGNFNVAHGLAWSYYIGYLRLILPELQARIRTYNQHYNNLLRGAVSQRLYILLPLDCGVPDNLSMAD
PNIRFLDKLPQQTGDRAGIKDRVYSNSIYELLENGQRAGTCVLEYATPLQTLFAMSQYSQAGFSREDRLEQAKLFCRTLE
DILADAPESQNNCRLIAYQEPADDSSFSLSQEVLRHLRQEEKEEVTVGSLKTSAVPSTSTMSQEPELLISGMEKPLPLRT
DFS
;
_entity_poly.pdbx_strand_id   A
#
loop_
_chem_comp.id
_chem_comp.type
_chem_comp.name
_chem_comp.formula
X5J non-polymer (2R,5R,7R,8R,10R,12aR,14R,15aS,16R)-7-(2-amino-6-oxo-1,6-dihydro-9H-purin-9-yl)-16-hydroxy-14-[(pyrimidin-4-yl)amino]-2,10-disulfanyldecahydro-2H,10H-5,8-methano-2lambda~5~,10lambda~5~-cyclopenta[l][1,3,6,9,11,2,10]pentaoxadiphosphacyclotetradecine-2,10-dione 'C20 H26 N8 O9 P2 S2'
#
# COMPACT_ATOMS: atom_id res chain seq x y z
N ASN A 16 7.66 -19.83 13.22
CA ASN A 16 8.37 -18.88 12.32
C ASN A 16 8.01 -17.43 12.67
N PHE A 17 7.52 -17.15 13.89
CA PHE A 17 7.05 -15.81 14.37
C PHE A 17 7.93 -14.69 13.80
N ASN A 18 9.24 -14.89 13.84
CA ASN A 18 10.23 -13.80 13.59
C ASN A 18 10.17 -13.35 12.13
N VAL A 19 9.68 -14.17 11.19
CA VAL A 19 9.72 -13.82 9.75
C VAL A 19 8.88 -12.55 9.53
N ALA A 20 7.58 -12.57 9.87
CA ALA A 20 6.64 -11.44 9.65
C ALA A 20 7.09 -10.22 10.46
N HIS A 21 7.49 -10.44 11.70
CA HIS A 21 7.99 -9.40 12.65
C HIS A 21 9.07 -8.57 11.94
N GLY A 22 10.13 -9.22 11.42
CA GLY A 22 11.25 -8.57 10.70
C GLY A 22 10.78 -7.86 9.45
N LEU A 23 9.85 -8.42 8.69
CA LEU A 23 9.41 -7.80 7.42
C LEU A 23 8.57 -6.55 7.74
N ALA A 24 7.75 -6.60 8.79
CA ALA A 24 6.96 -5.46 9.30
C ALA A 24 7.94 -4.33 9.70
N TRP A 25 8.96 -4.63 10.50
CA TRP A 25 9.95 -3.60 10.96
C TRP A 25 10.73 -3.01 9.78
N SER A 26 11.03 -3.85 8.79
CA SER A 26 11.73 -3.49 7.55
C SER A 26 10.85 -2.56 6.72
N TYR A 27 9.57 -2.85 6.61
CA TYR A 27 8.62 -2.07 5.79
C TYR A 27 8.54 -0.66 6.38
N TYR A 28 8.49 -0.58 7.70
CA TYR A 28 8.42 0.68 8.46
C TYR A 28 9.71 1.44 8.27
N ILE A 29 10.82 0.85 8.74
CA ILE A 29 12.17 1.49 8.75
C ILE A 29 12.59 1.86 7.31
N GLY A 30 12.39 0.95 6.35
CA GLY A 30 12.97 1.05 5.00
C GLY A 30 12.09 1.82 4.06
N TYR A 31 10.86 2.17 4.44
CA TYR A 31 9.89 2.76 3.49
C TYR A 31 8.94 3.74 4.20
N LEU A 32 8.07 3.25 5.08
CA LEU A 32 6.98 4.08 5.66
C LEU A 32 7.54 5.27 6.44
N ARG A 33 8.52 5.08 7.32
CA ARG A 33 9.10 6.20 8.11
C ARG A 33 9.82 7.19 7.18
N LEU A 34 10.22 6.79 5.98
CA LEU A 34 11.00 7.64 5.04
C LEU A 34 10.03 8.44 4.16
N ILE A 35 8.94 7.84 3.66
CA ILE A 35 8.04 8.47 2.65
C ILE A 35 6.82 9.13 3.32
N LEU A 36 6.38 8.70 4.51
CA LEU A 36 5.14 9.27 5.11
C LEU A 36 5.35 10.73 5.49
N PRO A 37 6.47 11.13 6.15
CA PRO A 37 6.69 12.56 6.46
C PRO A 37 6.53 13.51 5.27
N GLU A 38 6.90 13.09 4.05
CA GLU A 38 6.89 13.98 2.85
C GLU A 38 5.67 13.73 1.97
N LEU A 39 4.74 12.86 2.36
CA LEU A 39 3.60 12.42 1.51
C LEU A 39 2.53 13.53 1.33
N GLN A 40 2.12 14.24 2.40
CA GLN A 40 1.04 15.26 2.30
C GLN A 40 1.53 16.39 1.39
N ALA A 41 2.79 16.79 1.56
CA ALA A 41 3.47 17.79 0.71
C ALA A 41 3.43 17.33 -0.75
N ARG A 42 3.76 16.07 -1.02
CA ARG A 42 3.78 15.53 -2.41
C ARG A 42 2.36 15.56 -3.01
N ILE A 43 1.32 15.30 -2.19
CA ILE A 43 -0.10 15.24 -2.64
C ILE A 43 -0.59 16.67 -2.87
N ARG A 44 -0.30 17.61 -1.95
CA ARG A 44 -0.50 19.07 -2.15
C ARG A 44 -0.02 19.43 -3.56
N THR A 45 1.26 19.16 -3.83
CA THR A 45 1.97 19.56 -5.08
C THR A 45 1.20 19.03 -6.27
N TYR A 46 0.80 17.76 -6.23
CA TYR A 46 0.07 17.11 -7.33
C TYR A 46 -1.28 17.79 -7.55
N ASN A 47 -2.03 17.97 -6.46
CA ASN A 47 -3.39 18.58 -6.46
C ASN A 47 -3.34 19.96 -7.13
N GLN A 48 -2.36 20.80 -6.77
CA GLN A 48 -2.26 22.21 -7.21
C GLN A 48 -1.73 22.28 -8.65
N HIS A 49 -0.66 21.55 -8.96
CA HIS A 49 0.20 21.86 -10.14
C HIS A 49 0.03 20.83 -11.26
N TYR A 50 -0.42 19.61 -10.98
CA TYR A 50 -0.50 18.52 -12.00
C TYR A 50 -1.91 17.92 -12.12
N ASN A 51 -2.70 17.88 -11.05
CA ASN A 51 -4.08 17.35 -11.10
C ASN A 51 -4.84 18.09 -12.22
N ASN A 52 -5.70 17.38 -12.94
CA ASN A 52 -6.67 17.98 -13.90
C ASN A 52 -7.51 19.01 -13.16
N LEU A 53 -7.55 20.24 -13.70
CA LEU A 53 -8.37 21.37 -13.19
C LEU A 53 -9.76 20.89 -12.78
N LEU A 54 -10.37 20.03 -13.59
CA LEU A 54 -11.83 19.74 -13.51
C LEU A 54 -12.10 18.50 -12.66
N ARG A 55 -11.08 17.86 -12.09
CA ARG A 55 -11.25 16.56 -11.36
C ARG A 55 -11.10 16.78 -9.86
N GLY A 56 -11.52 15.76 -9.10
CA GLY A 56 -11.43 15.73 -7.63
C GLY A 56 -9.97 15.74 -7.22
N ALA A 57 -9.65 16.50 -6.17
CA ALA A 57 -8.37 16.40 -5.43
C ALA A 57 -8.09 14.93 -5.16
N VAL A 58 -6.81 14.55 -5.20
CA VAL A 58 -6.35 13.27 -4.64
C VAL A 58 -6.54 13.35 -3.14
N SER A 59 -7.15 12.31 -2.54
CA SER A 59 -7.33 12.15 -1.07
C SER A 59 -5.95 12.14 -0.40
N GLN A 60 -5.87 12.63 0.84
CA GLN A 60 -4.67 12.47 1.72
C GLN A 60 -4.49 10.98 2.03
N ARG A 61 -3.38 10.62 2.67
CA ARG A 61 -3.10 9.25 3.18
C ARG A 61 -2.74 8.26 2.07
N LEU A 62 -1.75 7.42 2.33
CA LEU A 62 -1.34 6.26 1.49
C LEU A 62 -2.21 5.07 1.85
N TYR A 63 -2.95 4.52 0.86
CA TYR A 63 -3.83 3.34 1.06
C TYR A 63 -2.99 2.11 0.75
N ILE A 64 -2.93 1.19 1.72
CA ILE A 64 -2.03 0.01 1.65
C ILE A 64 -2.88 -1.25 1.73
N LEU A 65 -2.89 -1.98 0.63
CA LEU A 65 -3.67 -3.22 0.47
C LEU A 65 -2.85 -4.35 1.06
N LEU A 66 -3.52 -5.15 1.87
CA LEU A 66 -2.96 -6.27 2.66
C LEU A 66 -3.85 -7.48 2.42
N PRO A 67 -3.76 -8.13 1.25
CA PRO A 67 -4.39 -9.42 1.04
C PRO A 67 -3.67 -10.47 1.88
N LEU A 68 -4.42 -11.19 2.72
CA LEU A 68 -3.90 -12.25 3.61
C LEU A 68 -3.63 -13.54 2.83
N ASP A 69 -4.23 -13.73 1.65
CA ASP A 69 -3.89 -14.85 0.73
C ASP A 69 -2.54 -14.54 0.05
N CYS A 70 -1.95 -13.36 0.32
CA CYS A 70 -0.69 -12.81 -0.26
C CYS A 70 -0.69 -12.81 -1.80
N GLY A 71 -1.85 -12.82 -2.45
CA GLY A 71 -1.95 -12.67 -3.90
C GLY A 71 -1.73 -11.21 -4.28
N VAL A 72 -0.50 -10.82 -4.61
CA VAL A 72 -0.17 -9.41 -4.97
C VAL A 72 0.13 -9.34 -6.47
N PRO A 73 -0.86 -9.08 -7.35
CA PRO A 73 -0.55 -8.73 -8.73
C PRO A 73 0.26 -7.42 -8.79
N ASP A 74 1.13 -7.33 -9.79
CA ASP A 74 1.96 -6.12 -10.09
C ASP A 74 1.06 -4.99 -10.62
N ASN A 75 0.01 -5.33 -11.37
CA ASN A 75 -1.02 -4.37 -11.86
C ASN A 75 -2.31 -4.50 -11.04
N LEU A 76 -2.75 -3.39 -10.44
CA LEU A 76 -3.97 -3.31 -9.58
C LEU A 76 -5.22 -3.62 -10.42
N SER A 77 -5.24 -3.22 -11.70
CA SER A 77 -6.37 -3.40 -12.65
C SER A 77 -6.70 -4.88 -12.83
N MET A 78 -5.73 -5.77 -12.54
CA MET A 78 -5.91 -7.24 -12.54
C MET A 78 -6.71 -7.69 -11.31
N ALA A 79 -6.61 -6.98 -10.19
CA ALA A 79 -7.41 -7.23 -8.96
C ALA A 79 -8.87 -6.82 -9.18
N ASP A 80 -9.09 -5.74 -9.93
CA ASP A 80 -10.43 -5.13 -10.11
C ASP A 80 -10.35 -4.20 -11.30
N PRO A 81 -11.22 -4.37 -12.33
CA PRO A 81 -11.24 -3.45 -13.47
C PRO A 81 -11.59 -2.01 -13.05
N ASN A 82 -12.35 -1.88 -11.95
CA ASN A 82 -12.84 -0.61 -11.37
C ASN A 82 -11.74 0.16 -10.63
N ILE A 83 -10.52 -0.39 -10.55
CA ILE A 83 -9.31 0.29 -10.00
C ILE A 83 -8.40 0.60 -11.19
N ARG A 84 -8.32 1.87 -11.59
CA ARG A 84 -7.57 2.26 -12.82
C ARG A 84 -6.49 3.28 -12.49
N PHE A 85 -5.28 2.99 -12.96
CA PHE A 85 -4.12 3.90 -12.86
C PHE A 85 -4.50 5.22 -13.52
N LEU A 86 -4.28 6.32 -12.81
CA LEU A 86 -4.59 7.69 -13.24
C LEU A 86 -3.26 8.40 -13.58
N ASP A 87 -2.37 8.50 -12.59
CA ASP A 87 -1.14 9.33 -12.64
C ASP A 87 -0.16 8.88 -11.54
N LYS A 88 1.07 9.39 -11.56
CA LYS A 88 2.10 9.23 -10.50
C LYS A 88 2.18 10.55 -9.73
N LEU A 89 2.48 10.48 -8.44
CA LEU A 89 2.90 11.66 -7.64
C LEU A 89 4.26 12.12 -8.12
N PRO A 90 4.73 13.32 -7.72
CA PRO A 90 6.12 13.68 -7.91
C PRO A 90 6.97 12.62 -7.20
N GLN A 91 8.06 12.19 -7.83
CA GLN A 91 9.00 11.20 -7.26
C GLN A 91 9.69 11.81 -6.04
N GLN A 92 9.90 11.00 -5.00
CA GLN A 92 10.80 11.33 -3.87
C GLN A 92 12.09 10.54 -4.08
N THR A 93 13.24 11.20 -3.94
CA THR A 93 14.59 10.60 -4.14
C THR A 93 15.46 10.95 -2.94
N GLY A 94 16.43 10.09 -2.65
CA GLY A 94 17.41 10.27 -1.55
C GLY A 94 18.54 9.27 -1.64
N ASP A 95 19.71 9.64 -1.11
CA ASP A 95 20.86 8.72 -0.96
C ASP A 95 20.40 7.68 0.07
N ARG A 96 20.55 6.41 -0.28
CA ARG A 96 20.20 5.25 0.57
C ARG A 96 21.31 4.21 0.44
N ALA A 97 22.11 4.02 1.48
CA ALA A 97 23.02 2.87 1.62
C ALA A 97 23.90 2.76 0.37
N GLY A 98 24.39 3.90 -0.15
CA GLY A 98 25.37 3.94 -1.25
C GLY A 98 24.72 4.10 -2.61
N ILE A 99 23.38 4.11 -2.70
CA ILE A 99 22.64 4.45 -3.95
C ILE A 99 22.38 5.96 -3.93
N LYS A 100 23.02 6.72 -4.83
CA LYS A 100 22.68 8.14 -5.06
C LYS A 100 21.28 8.21 -5.67
N ASP A 101 20.40 9.04 -5.11
CA ASP A 101 19.05 9.33 -5.67
C ASP A 101 18.31 8.02 -5.95
N ARG A 102 18.12 7.21 -4.90
CA ARG A 102 17.17 6.07 -4.90
C ARG A 102 15.78 6.66 -5.03
N VAL A 103 14.92 6.11 -5.88
CA VAL A 103 13.60 6.73 -6.19
C VAL A 103 12.49 6.00 -5.41
N TYR A 104 11.69 6.79 -4.69
CA TYR A 104 10.40 6.36 -4.06
C TYR A 104 9.28 6.96 -4.92
N SER A 105 8.51 6.08 -5.57
CA SER A 105 7.43 6.41 -6.51
C SER A 105 6.12 5.84 -5.95
N ASN A 106 5.01 6.58 -6.11
CA ASN A 106 3.66 6.12 -5.75
C ASN A 106 2.69 6.51 -6.87
N SER A 107 1.63 5.72 -7.01
CA SER A 107 0.64 5.74 -8.12
C SER A 107 -0.75 6.11 -7.58
N ILE A 108 -1.44 6.99 -8.30
CA ILE A 108 -2.81 7.48 -7.97
C ILE A 108 -3.76 6.64 -8.79
N TYR A 109 -4.81 6.10 -8.17
CA TYR A 109 -5.84 5.29 -8.87
C TYR A 109 -7.18 6.02 -8.82
N GLU A 110 -8.01 5.86 -9.85
CA GLU A 110 -9.47 6.17 -9.81
C GLU A 110 -10.21 4.90 -9.36
N LEU A 111 -11.12 5.04 -8.39
CA LEU A 111 -12.01 3.94 -7.94
C LEU A 111 -13.39 4.15 -8.58
N LEU A 112 -13.78 3.27 -9.51
CA LEU A 112 -15.05 3.36 -10.28
C LEU A 112 -16.20 2.77 -9.48
N GLU A 113 -17.26 3.55 -9.28
CA GLU A 113 -18.59 3.03 -8.87
C GLU A 113 -19.59 3.33 -9.99
N ASN A 114 -20.23 2.28 -10.55
CA ASN A 114 -21.19 2.37 -11.68
C ASN A 114 -20.51 3.07 -12.87
N GLY A 115 -19.32 2.60 -13.29
CA GLY A 115 -18.55 3.11 -14.44
C GLY A 115 -18.27 4.61 -14.37
N GLN A 116 -18.40 5.22 -13.18
CA GLN A 116 -18.11 6.66 -12.90
C GLN A 116 -17.13 6.74 -11.72
N ARG A 117 -16.21 7.71 -11.76
CA ARG A 117 -15.22 7.95 -10.68
C ARG A 117 -15.93 8.32 -9.37
N ALA A 118 -15.79 7.50 -8.33
CA ALA A 118 -16.32 7.77 -6.97
C ALA A 118 -15.21 8.23 -6.03
N GLY A 119 -13.94 8.19 -6.44
CA GLY A 119 -12.83 8.57 -5.55
C GLY A 119 -11.46 8.42 -6.19
N THR A 120 -10.48 9.15 -5.66
CA THR A 120 -9.09 9.17 -6.14
C THR A 120 -8.13 9.13 -4.95
N CYS A 121 -7.23 8.16 -4.91
CA CYS A 121 -6.26 7.97 -3.80
C CYS A 121 -4.95 7.37 -4.31
N VAL A 122 -3.88 7.66 -3.58
CA VAL A 122 -2.57 6.94 -3.63
C VAL A 122 -2.85 5.54 -3.05
N LEU A 123 -2.64 4.51 -3.86
CA LEU A 123 -3.04 3.11 -3.56
C LEU A 123 -1.93 2.17 -4.04
N GLU A 124 -1.61 1.16 -3.23
CA GLU A 124 -0.58 0.14 -3.55
C GLU A 124 -0.74 -1.04 -2.58
N TYR A 125 -0.12 -2.16 -2.92
CA TYR A 125 0.00 -3.37 -2.06
C TYR A 125 1.24 -3.22 -1.18
N ALA A 126 1.21 -3.89 -0.04
CA ALA A 126 2.38 -4.05 0.83
C ALA A 126 3.27 -5.10 0.20
N THR A 127 4.39 -4.68 -0.40
CA THR A 127 5.31 -5.51 -1.21
C THR A 127 5.76 -6.72 -0.38
N PRO A 128 6.11 -6.57 0.93
CA PRO A 128 6.52 -7.71 1.75
C PRO A 128 5.61 -8.95 1.65
N LEU A 129 4.34 -8.77 1.30
CA LEU A 129 3.38 -9.90 1.21
C LEU A 129 3.66 -10.68 -0.07
N GLN A 130 4.07 -10.00 -1.13
CA GLN A 130 4.49 -10.65 -2.40
C GLN A 130 5.65 -11.59 -2.05
N THR A 131 6.54 -11.12 -1.18
CA THR A 131 7.73 -11.85 -0.68
C THR A 131 7.31 -13.04 0.21
N LEU A 132 6.33 -12.90 1.12
CA LEU A 132 5.84 -14.06 1.91
C LEU A 132 5.27 -15.12 0.95
N PHE A 133 4.66 -14.68 -0.15
CA PHE A 133 4.09 -15.57 -1.18
C PHE A 133 5.22 -16.36 -1.82
N ALA A 134 6.16 -15.66 -2.45
CA ALA A 134 7.36 -16.26 -3.09
C ALA A 134 8.05 -17.24 -2.13
N MET A 135 8.30 -16.84 -0.90
CA MET A 135 9.01 -17.68 0.10
C MET A 135 8.30 -19.03 0.25
N SER A 136 6.98 -19.07 0.21
CA SER A 136 6.22 -20.34 0.41
C SER A 136 6.39 -21.25 -0.83
N GLN A 137 6.66 -20.66 -1.99
CA GLN A 137 6.79 -21.34 -3.32
C GLN A 137 8.21 -21.91 -3.48
N TYR A 138 9.20 -21.42 -2.73
CA TYR A 138 10.62 -21.85 -2.89
C TYR A 138 11.02 -22.91 -1.86
N SER A 139 11.44 -24.10 -2.30
CA SER A 139 11.72 -25.28 -1.42
C SER A 139 12.73 -24.88 -0.33
N GLN A 140 13.75 -24.13 -0.72
CA GLN A 140 14.97 -23.86 0.09
C GLN A 140 14.59 -22.90 1.24
N ALA A 141 13.48 -22.16 1.12
CA ALA A 141 12.99 -21.21 2.15
C ALA A 141 12.39 -21.96 3.34
N GLY A 142 11.90 -23.19 3.13
CA GLY A 142 11.39 -24.05 4.21
C GLY A 142 10.11 -23.52 4.85
N PHE A 143 9.24 -22.88 4.09
CA PHE A 143 8.09 -22.08 4.59
C PHE A 143 6.82 -22.63 3.92
N SER A 144 5.96 -23.32 4.66
CA SER A 144 4.70 -23.91 4.11
C SER A 144 3.66 -22.80 3.86
N ARG A 145 2.59 -23.15 3.15
CA ARG A 145 1.44 -22.26 2.81
C ARG A 145 0.55 -22.09 4.04
N GLU A 146 0.62 -23.00 5.02
CA GLU A 146 -0.05 -22.86 6.34
C GLU A 146 0.66 -21.72 7.09
N ASP A 147 1.98 -21.85 7.26
CA ASP A 147 2.87 -20.82 7.84
C ASP A 147 2.51 -19.45 7.25
N ARG A 148 2.16 -19.41 5.97
CA ARG A 148 2.03 -18.14 5.21
C ARG A 148 0.79 -17.35 5.62
N LEU A 149 -0.37 -17.96 5.84
CA LEU A 149 -1.57 -17.18 6.26
C LEU A 149 -1.29 -16.59 7.66
N GLU A 150 -0.66 -17.38 8.52
CA GLU A 150 -0.26 -17.02 9.91
C GLU A 150 0.68 -15.82 9.86
N GLN A 151 1.75 -15.87 9.06
CA GLN A 151 2.78 -14.80 9.01
C GLN A 151 2.20 -13.55 8.35
N ALA A 152 1.30 -13.72 7.37
CA ALA A 152 0.54 -12.60 6.77
C ALA A 152 -0.26 -11.85 7.84
N LYS A 153 -0.84 -12.57 8.81
CA LYS A 153 -1.67 -11.97 9.89
C LYS A 153 -0.75 -11.23 10.86
N LEU A 154 0.32 -11.91 11.25
CA LEU A 154 1.32 -11.36 12.16
C LEU A 154 1.94 -10.09 11.55
N PHE A 155 2.28 -10.10 10.26
CA PHE A 155 2.83 -8.92 9.55
C PHE A 155 1.91 -7.72 9.76
N CYS A 156 0.62 -7.90 9.48
CA CYS A 156 -0.40 -6.83 9.55
C CYS A 156 -0.50 -6.32 11.00
N ARG A 157 -0.54 -7.23 11.98
CA ARG A 157 -0.65 -6.86 13.41
C ARG A 157 0.56 -6.02 13.79
N THR A 158 1.75 -6.57 13.54
CA THR A 158 3.06 -5.94 13.88
C THR A 158 3.05 -4.54 13.28
N LEU A 159 2.63 -4.44 12.03
CA LEU A 159 2.63 -3.14 11.31
C LEU A 159 1.64 -2.18 11.98
N GLU A 160 0.48 -2.64 12.45
CA GLU A 160 -0.54 -1.71 13.04
C GLU A 160 -0.04 -1.30 14.43
N ASP A 161 0.61 -2.18 15.19
CA ASP A 161 1.26 -1.82 16.49
C ASP A 161 2.35 -0.76 16.26
N ILE A 162 3.26 -1.01 15.32
CA ILE A 162 4.33 -0.04 14.97
C ILE A 162 3.71 1.34 14.69
N LEU A 163 2.73 1.41 13.78
CA LEU A 163 2.14 2.71 13.29
C LEU A 163 1.38 3.39 14.42
N ALA A 164 0.85 2.62 15.38
CA ALA A 164 0.09 3.14 16.54
C ALA A 164 0.98 4.11 17.31
N ASP A 165 2.28 3.81 17.42
CA ASP A 165 3.30 4.62 18.14
C ASP A 165 4.10 5.49 17.16
N ALA A 166 3.90 5.39 15.86
CA ALA A 166 4.79 6.06 14.88
C ALA A 166 4.50 7.56 14.87
N PRO A 167 5.53 8.42 15.03
CA PRO A 167 5.39 9.87 14.81
C PRO A 167 5.18 10.26 13.33
N GLU A 168 5.56 9.39 12.40
CA GLU A 168 5.44 9.59 10.92
C GLU A 168 4.00 9.35 10.45
N SER A 169 3.32 8.32 10.99
CA SER A 169 1.83 8.18 10.87
C SER A 169 1.18 9.27 11.74
N GLN A 170 0.92 10.44 11.15
CA GLN A 170 0.07 11.51 11.73
C GLN A 170 -1.25 11.55 10.96
N ASN A 171 -1.88 10.39 10.76
CA ASN A 171 -3.09 10.21 9.93
C ASN A 171 -2.76 10.58 8.48
N ASN A 172 -1.77 9.87 7.92
CA ASN A 172 -1.36 9.99 6.50
C ASN A 172 -1.17 8.58 5.93
N CYS A 173 -1.80 7.58 6.55
CA CYS A 173 -1.59 6.15 6.22
C CYS A 173 -2.79 5.30 6.65
N ARG A 174 -3.34 4.46 5.75
CA ARG A 174 -4.52 3.62 6.05
C ARG A 174 -4.32 2.17 5.57
N LEU A 175 -4.33 1.22 6.51
CA LEU A 175 -4.16 -0.23 6.24
C LEU A 175 -5.52 -0.82 5.87
N ILE A 176 -5.58 -1.62 4.81
CA ILE A 176 -6.81 -2.34 4.38
C ILE A 176 -6.48 -3.82 4.29
N ALA A 177 -6.74 -4.57 5.36
CA ALA A 177 -6.58 -6.04 5.43
C ALA A 177 -7.87 -6.69 4.94
N TYR A 178 -7.78 -7.76 4.14
CA TYR A 178 -8.99 -8.42 3.57
C TYR A 178 -8.69 -9.86 3.17
N GLN A 179 -9.76 -10.69 3.18
CA GLN A 179 -9.76 -12.13 2.84
C GLN A 179 -10.75 -12.36 1.70
N GLU A 180 -10.42 -13.22 0.73
CA GLU A 180 -11.26 -13.50 -0.47
C GLU A 180 -11.93 -14.87 -0.32
N PRO A 181 -13.29 -14.95 -0.30
CA PRO A 181 -13.99 -16.23 -0.10
C PRO A 181 -14.29 -16.97 -1.41
N SER A 186 -19.05 -12.80 -4.34
CA SER A 186 -18.33 -11.76 -5.12
C SER A 186 -17.85 -10.66 -4.18
N PHE A 187 -16.52 -10.52 -4.06
CA PHE A 187 -15.81 -9.50 -3.25
C PHE A 187 -15.27 -8.39 -4.18
N SER A 188 -15.59 -7.11 -3.91
CA SER A 188 -15.11 -5.97 -4.72
C SER A 188 -14.04 -5.17 -3.96
N LEU A 189 -12.83 -5.09 -4.51
CA LEU A 189 -11.68 -4.36 -3.90
C LEU A 189 -11.97 -2.86 -3.93
N SER A 190 -12.41 -2.34 -5.08
CA SER A 190 -12.80 -0.92 -5.27
C SER A 190 -13.81 -0.51 -4.20
N GLN A 191 -14.73 -1.42 -3.84
CA GLN A 191 -15.79 -1.16 -2.82
C GLN A 191 -15.16 -1.14 -1.42
N GLU A 192 -14.21 -2.06 -1.18
CA GLU A 192 -13.46 -2.15 0.09
C GLU A 192 -12.65 -0.85 0.29
N VAL A 193 -12.04 -0.33 -0.78
CA VAL A 193 -11.26 0.95 -0.75
C VAL A 193 -12.22 2.14 -0.59
N LEU A 194 -13.34 2.16 -1.31
CA LEU A 194 -14.31 3.28 -1.23
C LEU A 194 -14.93 3.33 0.18
N ARG A 195 -15.13 2.17 0.82
CA ARG A 195 -15.71 2.06 2.18
C ARG A 195 -14.80 2.79 3.17
N HIS A 196 -13.48 2.53 3.09
CA HIS A 196 -12.43 3.21 3.91
C HIS A 196 -12.36 4.70 3.57
N LEU A 197 -12.34 5.02 2.27
CA LEU A 197 -12.10 6.38 1.72
C LEU A 197 -13.22 7.31 2.19
N ARG A 198 -14.43 6.74 2.37
CA ARG A 198 -15.68 7.46 2.72
C ARG A 198 -15.83 7.63 4.24
N GLN A 199 -15.11 6.86 5.05
CA GLN A 199 -15.01 7.06 6.52
C GLN A 199 -14.42 8.46 6.80
N GLU A 200 -13.65 9.00 5.85
CA GLU A 200 -12.96 10.32 5.92
C GLU A 200 -13.64 11.31 4.95
C4 X5J B . 11.57 -0.52 -0.08
C5 X5J B . 10.02 0.17 -1.38
C6 X5J B . 15.66 -2.51 -3.47
C7 X5J B . 9.43 -0.73 -0.53
C8 X5J B . 9.18 0.82 -2.37
C10 X5J B . 15.23 -5.57 -1.49
C13 X5J B . 12.73 -2.50 3.55
C15 X5J B . 15.91 -4.29 -1.92
C17 X5J B . 11.26 -2.78 3.37
C20 X5J B . 10.23 -2.15 1.37
C1 X5J B . 14.93 -1.74 -4.34
C2 X5J B . 15.57 -0.72 -5.01
C3 X5J B . 17.49 -1.25 -3.97
C9 X5J B . 7.36 -0.58 -1.36
C11 X5J B . 16.08 -3.56 -0.62
C12 X5J B . 13.09 -5.65 -0.12
C14 X5J B . 14.54 -5.27 -0.17
C16 X5J B . 14.79 -3.82 0.08
C18 X5J B . 10.91 -3.49 1.19
C19 X5J B . 11.01 -4.04 2.61
N21 X5J B . 16.87 -0.45 -4.84
N22 X5J B . 16.96 -2.28 -3.28
N23 X5J B . 11.35 0.31 -1.09
N24 X5J B . 8.14 -1.14 -0.49
N25 X5J B . 10.43 -1.17 0.30
N26 X5J B . 7.86 0.35 -2.27
N27 X5J B . 6.05 -0.92 -1.42
N28 X5J B . 15.00 -3.55 -2.80
O29 X5J B . 9.63 1.65 -3.17
O30 X5J B . 10.36 -3.99 -2.32
O31 X5J B . 15.49 -0.96 1.33
O32 X5J B . 12.40 -4.77 -0.99
O33 X5J B . 13.32 -1.83 2.47
O34 X5J B . 10.63 -1.71 2.64
O35 X5J B . 14.96 -3.55 1.46
O36 X5J B . 10.18 -4.29 0.29
O37 X5J B . 9.82 -4.70 3.11
P38 X5J B . 10.79 -4.83 -1.14
P39 X5J B . 14.90 -2.07 2.16
S40 X5J B . 10.14 -6.80 -1.26
S41 X5J B . 15.91 -2.37 3.96
#